data_7BED
#
_entry.id   7BED
#
_cell.length_a   49.008
_cell.length_b   54.469
_cell.length_c   117.140
_cell.angle_alpha   90.000
_cell.angle_beta   90.000
_cell.angle_gamma   90.000
#
_symmetry.space_group_name_H-M   'P 21 21 21'
#
loop_
_entity.id
_entity.type
_entity.pdbx_description
1 polymer 'WD repeat-containing protein 5'
2 non-polymer 'SULFATE ION'
3 water water
#
_entity_poly.entity_id   1
_entity_poly.type   'polypeptide(L)'
_entity_poly.pdbx_seq_one_letter_code
;MATEEKKPETEAARAQPTPSSSATQSKPTPVKPNYALKFTLAGHTKAVSSVKFSPNGEWLASSSADKLIKIWGAYDGKFE
KTISGHKLGISDVAWSSDSNLLVSASDDKTLKIWDVSSGKCLKTLKGHSNYVFCCNFNPQSNLIVSGSFDESVRIWDVKT
GKCLKTLPAHSDPVSAVHFNRDGSLIVSSSYDGLCRIWDTASGQCLKTLIDDDNPPVSFVKFSPNGKYILAATLDNTLKL
WDYSKGKCLKTYTGHKNEKYCIFANFSVTGGKWIVSGSEDNLVYIWNLQTKEIVQKLQGHTDVVISTACHPTENIIASAA
LENDKTIKLWKSDC
;
_entity_poly.pdbx_strand_id   A,B
#
loop_
_chem_comp.id
_chem_comp.type
_chem_comp.name
_chem_comp.formula
SO4 non-polymer 'SULFATE ION' 'O4 S -2'
#
# COMPACT_ATOMS: atom_id res chain seq x y z
N LYS A 27 24.89 -28.09 10.10
CA LYS A 27 24.86 -26.75 9.51
C LYS A 27 23.42 -26.23 9.53
N PRO A 28 23.24 -24.92 9.67
CA PRO A 28 21.88 -24.35 9.55
C PRO A 28 21.33 -24.59 8.15
N THR A 29 20.01 -24.79 8.09
CA THR A 29 19.30 -24.96 6.82
C THR A 29 18.29 -23.83 6.67
N PRO A 30 18.44 -22.97 5.67
CA PRO A 30 17.51 -21.84 5.55
C PRO A 30 16.07 -22.30 5.36
N VAL A 31 15.16 -21.59 5.99
CA VAL A 31 13.75 -21.89 5.85
C VAL A 31 13.22 -21.21 4.58
N LYS A 32 12.27 -21.87 3.94
CA LYS A 32 11.45 -21.28 2.90
C LYS A 32 10.00 -21.34 3.37
N PRO A 33 9.18 -20.35 3.07
CA PRO A 33 7.78 -20.39 3.50
C PRO A 33 6.98 -21.37 2.66
N ASN A 34 5.82 -21.72 3.19
CA ASN A 34 4.90 -22.65 2.54
C ASN A 34 3.48 -22.10 2.54
N TYR A 35 3.33 -20.83 2.18
CA TYR A 35 2.01 -20.21 2.05
C TYR A 35 1.10 -21.06 1.18
N ALA A 36 -0.09 -21.35 1.71
CA ALA A 36 -1.11 -22.12 1.04
C ALA A 36 -2.43 -21.36 1.12
N LEU A 37 -3.21 -21.42 0.04
CA LEU A 37 -4.49 -20.69 -0.01
C LEU A 37 -5.46 -21.24 1.02
N LYS A 38 -6.03 -20.34 1.81
CA LYS A 38 -7.04 -20.74 2.78
C LYS A 38 -8.42 -20.22 2.45
N PHE A 39 -8.56 -19.00 1.94
CA PHE A 39 -9.86 -18.43 1.66
C PHE A 39 -9.78 -17.50 0.46
N THR A 40 -10.84 -17.47 -0.33
CA THR A 40 -11.03 -16.47 -1.37
C THR A 40 -12.24 -15.61 -0.96
N LEU A 41 -12.05 -14.30 -1.02
CA LEU A 41 -13.02 -13.33 -0.49
C LEU A 41 -13.62 -12.60 -1.69
N ALA A 42 -14.84 -12.98 -2.03
CA ALA A 42 -15.57 -12.41 -3.14
C ALA A 42 -16.64 -11.46 -2.61
N GLY A 43 -16.98 -10.47 -3.43
CA GLY A 43 -18.01 -9.52 -3.06
C GLY A 43 -17.90 -8.18 -3.76
N HIS A 44 -16.69 -7.68 -3.93
CA HIS A 44 -16.55 -6.47 -4.71
C HIS A 44 -17.00 -6.74 -6.14
N THR A 45 -17.48 -5.70 -6.82
CA THR A 45 -18.03 -5.85 -8.17
C THR A 45 -17.13 -5.21 -9.22
N LYS A 46 -15.99 -4.66 -8.82
CA LYS A 46 -14.99 -4.14 -9.71
CA LYS A 46 -14.98 -4.15 -9.72
C LYS A 46 -13.63 -4.49 -9.12
N ALA A 47 -12.57 -4.10 -9.82
CA ALA A 47 -11.21 -4.33 -9.35
C ALA A 47 -11.06 -3.95 -7.89
N VAL A 48 -10.34 -4.77 -7.13
CA VAL A 48 -9.91 -4.41 -5.79
C VAL A 48 -8.61 -3.64 -5.93
N SER A 49 -8.45 -2.55 -5.18
CA SER A 49 -7.26 -1.71 -5.30
C SER A 49 -6.27 -1.85 -4.16
N SER A 50 -6.72 -2.18 -2.94
N SER A 50 -6.74 -2.14 -2.95
CA SER A 50 -5.84 -2.19 -1.78
CA SER A 50 -5.84 -2.26 -1.81
C SER A 50 -6.46 -2.99 -0.65
C SER A 50 -6.49 -3.16 -0.77
N VAL A 51 -5.64 -3.83 0.00
CA VAL A 51 -6.05 -4.55 1.20
C VAL A 51 -5.04 -4.26 2.31
N LYS A 52 -5.54 -4.13 3.53
CA LYS A 52 -4.71 -3.83 4.70
C LYS A 52 -5.27 -4.55 5.91
N PHE A 53 -4.40 -5.18 6.70
CA PHE A 53 -4.83 -5.78 7.96
C PHE A 53 -4.90 -4.72 9.05
N SER A 54 -5.91 -4.82 9.92
CA SER A 54 -5.95 -3.92 11.05
C SER A 54 -4.77 -4.18 11.98
N PRO A 55 -4.30 -3.15 12.68
CA PRO A 55 -3.16 -3.34 13.59
C PRO A 55 -3.40 -4.37 14.68
N ASN A 56 -4.64 -4.57 15.12
CA ASN A 56 -4.94 -5.57 16.14
C ASN A 56 -5.10 -6.97 15.56
N GLY A 57 -4.88 -7.14 14.26
CA GLY A 57 -4.90 -8.43 13.61
C GLY A 57 -6.26 -9.03 13.36
N GLU A 58 -7.34 -8.36 13.77
CA GLU A 58 -8.66 -9.00 13.70
C GLU A 58 -9.32 -8.88 12.34
N TRP A 59 -8.98 -7.85 11.56
CA TRP A 59 -9.73 -7.47 10.38
C TRP A 59 -8.84 -7.23 9.18
N LEU A 60 -9.45 -7.36 8.00
CA LEU A 60 -8.88 -6.89 6.75
C LEU A 60 -9.84 -5.86 6.19
N ALA A 61 -9.32 -4.74 5.74
CA ALA A 61 -10.09 -3.77 4.97
C ALA A 61 -9.66 -3.83 3.51
N SER A 62 -10.63 -3.69 2.62
CA SER A 62 -10.38 -3.64 1.18
C SER A 62 -11.05 -2.41 0.59
N SER A 63 -10.40 -1.84 -0.43
CA SER A 63 -10.98 -0.77 -1.23
C SER A 63 -11.09 -1.23 -2.67
N SER A 64 -11.99 -0.61 -3.42
CA SER A 64 -12.24 -1.06 -4.78
C SER A 64 -12.68 0.08 -5.69
N ALA A 65 -12.49 -0.17 -7.00
CA ALA A 65 -13.06 0.68 -8.04
C ALA A 65 -14.58 0.71 -8.00
N ASP A 66 -15.23 -0.21 -7.29
CA ASP A 66 -16.69 -0.18 -7.12
C ASP A 66 -17.17 0.87 -6.13
N LYS A 67 -16.26 1.71 -5.61
N LYS A 67 -16.27 1.72 -5.63
CA LYS A 67 -16.56 2.82 -4.72
CA LYS A 67 -16.54 2.83 -4.72
C LYS A 67 -16.77 2.37 -3.28
C LYS A 67 -16.73 2.37 -3.27
N LEU A 68 -16.53 1.10 -2.97
CA LEU A 68 -16.83 0.55 -1.66
C LEU A 68 -15.56 0.17 -0.90
N ILE A 69 -15.67 0.24 0.42
CA ILE A 69 -14.75 -0.37 1.36
C ILE A 69 -15.45 -1.56 1.97
N LYS A 70 -14.75 -2.68 2.10
CA LYS A 70 -15.29 -3.83 2.81
C LYS A 70 -14.37 -4.26 3.94
N ILE A 71 -14.99 -4.74 5.00
CA ILE A 71 -14.30 -5.24 6.18
C ILE A 71 -14.54 -6.74 6.26
N TRP A 72 -13.48 -7.50 6.52
CA TRP A 72 -13.54 -8.94 6.55
C TRP A 72 -12.76 -9.46 7.75
N GLY A 73 -13.15 -10.63 8.24
CA GLY A 73 -12.38 -11.28 9.30
C GLY A 73 -11.02 -11.71 8.78
N ALA A 74 -9.97 -11.39 9.54
CA ALA A 74 -8.62 -11.66 9.07
C ALA A 74 -8.28 -13.14 9.08
N TYR A 75 -8.91 -13.93 9.95
CA TYR A 75 -8.54 -15.31 10.13
C TYR A 75 -9.47 -16.28 9.41
N ASP A 76 -10.70 -15.86 9.13
CA ASP A 76 -11.67 -16.72 8.47
C ASP A 76 -12.21 -16.13 7.17
N GLY A 77 -11.77 -14.93 6.78
CA GLY A 77 -12.24 -14.25 5.60
C GLY A 77 -13.71 -13.88 5.58
N LYS A 78 -14.39 -13.95 6.72
CA LYS A 78 -15.82 -13.71 6.74
C LYS A 78 -16.12 -12.24 6.49
N PHE A 79 -17.01 -11.99 5.53
CA PHE A 79 -17.44 -10.61 5.29
C PHE A 79 -18.16 -10.07 6.52
N GLU A 80 -17.80 -8.85 6.91
CA GLU A 80 -18.40 -8.18 8.05
C GLU A 80 -19.31 -7.03 7.67
N LYS A 81 -18.85 -6.11 6.82
CA LYS A 81 -19.68 -4.96 6.46
C LYS A 81 -19.11 -4.27 5.24
N THR A 82 -19.98 -3.49 4.59
CA THR A 82 -19.60 -2.58 3.53
C THR A 82 -19.73 -1.15 4.04
N ILE A 83 -18.74 -0.33 3.68
CA ILE A 83 -18.70 1.09 4.04
C ILE A 83 -18.73 1.89 2.75
N SER A 84 -19.69 2.82 2.65
CA SER A 84 -19.92 3.51 1.39
C SER A 84 -20.04 5.01 1.58
N GLY A 85 -19.82 5.73 0.48
CA GLY A 85 -20.01 7.17 0.46
C GLY A 85 -19.17 7.90 -0.57
N HIS A 86 -18.00 7.36 -0.93
CA HIS A 86 -17.24 7.97 -2.04
C HIS A 86 -18.10 7.97 -3.31
N LYS A 87 -17.92 9.00 -4.12
CA LYS A 87 -18.67 9.17 -5.36
C LYS A 87 -18.01 8.51 -6.56
N LEU A 88 -16.74 8.12 -6.43
CA LEU A 88 -15.98 7.48 -7.49
C LEU A 88 -15.13 6.40 -6.83
N GLY A 89 -14.43 5.63 -7.67
CA GLY A 89 -13.62 4.52 -7.18
C GLY A 89 -12.55 4.96 -6.21
N ILE A 90 -12.05 3.97 -5.46
CA ILE A 90 -11.11 4.16 -4.36
C ILE A 90 -9.83 3.41 -4.69
N SER A 91 -8.69 4.07 -4.53
CA SER A 91 -7.39 3.48 -4.82
C SER A 91 -6.62 2.99 -3.60
N ASP A 92 -6.98 3.40 -2.38
CA ASP A 92 -6.21 3.02 -1.22
C ASP A 92 -7.08 3.18 0.01
N VAL A 93 -6.71 2.44 1.06
CA VAL A 93 -7.35 2.52 2.38
C VAL A 93 -6.26 2.22 3.40
N ALA A 94 -6.41 2.78 4.59
CA ALA A 94 -5.42 2.57 5.65
C ALA A 94 -6.10 2.68 7.01
N TRP A 95 -5.55 1.95 7.98
CA TRP A 95 -6.07 1.91 9.34
C TRP A 95 -5.34 2.85 10.28
N SER A 96 -6.06 3.39 11.25
CA SER A 96 -5.43 4.03 12.39
C SER A 96 -4.84 2.97 13.32
N SER A 97 -3.87 3.38 14.13
CA SER A 97 -3.15 2.44 14.97
C SER A 97 -4.03 1.81 16.05
N ASP A 98 -5.15 2.44 16.42
CA ASP A 98 -6.08 1.85 17.37
C ASP A 98 -7.10 0.93 16.73
N SER A 99 -6.98 0.69 15.41
CA SER A 99 -7.87 -0.19 14.63
C SER A 99 -9.31 0.33 14.57
N ASN A 100 -9.56 1.59 14.95
CA ASN A 100 -10.95 2.08 15.00
C ASN A 100 -11.32 2.93 13.79
N LEU A 101 -10.34 3.50 13.10
CA LEU A 101 -10.61 4.38 11.97
C LEU A 101 -9.98 3.84 10.71
N LEU A 102 -10.58 4.20 9.60
CA LEU A 102 -9.98 4.00 8.29
C LEU A 102 -9.93 5.35 7.58
N VAL A 103 -8.95 5.50 6.69
CA VAL A 103 -8.96 6.59 5.72
C VAL A 103 -8.88 5.96 4.34
N SER A 104 -9.60 6.55 3.39
CA SER A 104 -9.64 6.08 2.01
C SER A 104 -9.30 7.24 1.08
N ALA A 105 -8.75 6.88 -0.09
CA ALA A 105 -8.29 7.84 -1.10
C ALA A 105 -9.00 7.52 -2.41
N SER A 106 -9.69 8.52 -2.97
CA SER A 106 -10.62 8.30 -4.07
C SER A 106 -10.37 9.20 -5.28
N ASP A 107 -10.82 8.68 -6.43
CA ASP A 107 -10.85 9.45 -7.66
C ASP A 107 -11.75 10.67 -7.56
N ASP A 108 -12.64 10.72 -6.53
CA ASP A 108 -13.48 11.90 -6.28
C ASP A 108 -12.68 13.08 -5.70
N LYS A 109 -11.37 12.94 -5.58
CA LYS A 109 -10.44 14.00 -5.18
CA LYS A 109 -10.44 14.00 -5.18
C LYS A 109 -10.46 14.20 -3.67
N THR A 110 -11.16 13.37 -2.93
CA THR A 110 -11.21 13.47 -1.49
C THR A 110 -10.60 12.25 -0.83
N LEU A 111 -10.25 12.40 0.43
CA LEU A 111 -10.11 11.28 1.35
C LEU A 111 -11.28 11.33 2.31
N LYS A 112 -11.68 10.19 2.83
CA LYS A 112 -12.70 10.12 3.87
C LYS A 112 -12.14 9.36 5.06
N ILE A 113 -12.45 9.87 6.25
CA ILE A 113 -12.14 9.20 7.50
C ILE A 113 -13.42 8.53 7.95
N TRP A 114 -13.33 7.27 8.33
CA TRP A 114 -14.47 6.46 8.70
C TRP A 114 -14.31 5.87 10.09
N ASP A 115 -15.41 5.86 10.84
CA ASP A 115 -15.48 5.04 12.04
C ASP A 115 -15.85 3.62 11.61
N VAL A 116 -14.95 2.67 11.85
CA VAL A 116 -15.20 1.33 11.34
C VAL A 116 -16.40 0.68 12.03
N SER A 117 -16.57 0.94 13.33
CA SER A 117 -17.64 0.25 14.07
C SER A 117 -19.02 0.67 13.57
N SER A 118 -19.20 1.96 13.26
CA SER A 118 -20.50 2.46 12.82
C SER A 118 -20.62 2.58 11.30
N GLY A 119 -19.51 2.56 10.58
CA GLY A 119 -19.50 2.80 9.16
C GLY A 119 -19.68 4.24 8.75
N LYS A 120 -19.73 5.18 9.69
CA LYS A 120 -20.03 6.56 9.34
C LYS A 120 -18.78 7.28 8.86
N CYS A 121 -18.97 8.14 7.87
CA CYS A 121 -17.94 9.06 7.45
C CYS A 121 -17.84 10.19 8.47
N LEU A 122 -16.69 10.29 9.12
CA LEU A 122 -16.47 11.32 10.12
C LEU A 122 -15.99 12.63 9.52
N LYS A 123 -15.16 12.56 8.48
CA LYS A 123 -14.62 13.74 7.83
C LYS A 123 -14.38 13.43 6.36
N THR A 124 -14.51 14.45 5.53
CA THR A 124 -14.12 14.40 4.12
C THR A 124 -13.01 15.43 3.92
N LEU A 125 -11.85 14.95 3.52
CA LEU A 125 -10.63 15.75 3.43
C LEU A 125 -10.56 16.30 2.02
N LYS A 126 -10.66 17.61 1.90
CA LYS A 126 -10.80 18.29 0.62
C LYS A 126 -9.62 19.23 0.40
N GLY A 127 -9.11 19.24 -0.83
CA GLY A 127 -8.04 20.14 -1.18
C GLY A 127 -7.23 19.67 -2.37
N HIS A 128 -7.08 18.36 -2.52
CA HIS A 128 -6.41 17.86 -3.72
C HIS A 128 -7.22 18.24 -4.96
N SER A 129 -6.51 18.43 -6.08
CA SER A 129 -7.14 18.88 -7.31
C SER A 129 -7.24 17.77 -8.36
N ASN A 130 -6.89 16.53 -8.00
CA ASN A 130 -6.97 15.39 -8.89
C ASN A 130 -7.12 14.15 -8.02
N TYR A 131 -7.19 12.98 -8.64
CA TYR A 131 -7.42 11.73 -7.92
C TYR A 131 -6.49 11.64 -6.72
N VAL A 132 -7.02 11.22 -5.59
CA VAL A 132 -6.17 10.84 -4.45
C VAL A 132 -5.84 9.37 -4.60
N PHE A 133 -4.55 9.04 -4.49
CA PHE A 133 -4.05 7.74 -4.90
C PHE A 133 -3.59 6.87 -3.75
N CYS A 134 -3.06 7.46 -2.70
CA CYS A 134 -2.43 6.73 -1.62
C CYS A 134 -2.63 7.49 -0.31
N CYS A 135 -2.64 6.75 0.80
CA CYS A 135 -2.89 7.36 2.10
C CYS A 135 -2.37 6.47 3.23
N ASN A 136 -2.11 7.10 4.37
CA ASN A 136 -1.64 6.40 5.56
C ASN A 136 -1.80 7.30 6.77
N PHE A 137 -2.08 6.68 7.92
CA PHE A 137 -1.99 7.37 9.19
C PHE A 137 -0.55 7.31 9.72
N ASN A 138 -0.20 8.25 10.60
CA ASN A 138 1.01 8.09 11.40
C ASN A 138 0.75 7.14 12.56
N PRO A 139 1.82 6.67 13.24
CA PRO A 139 1.61 5.76 14.38
C PRO A 139 0.71 6.31 15.47
N GLN A 140 0.82 7.60 15.80
CA GLN A 140 -0.07 8.18 16.78
C GLN A 140 -1.49 8.33 16.23
N SER A 141 -1.61 8.33 14.90
CA SER A 141 -2.86 8.42 14.17
C SER A 141 -3.59 9.74 14.43
N ASN A 142 -2.85 10.78 14.77
CA ASN A 142 -3.38 12.14 14.76
CA ASN A 142 -3.42 12.13 14.74
C ASN A 142 -3.20 12.82 13.41
N LEU A 143 -2.40 12.24 12.52
CA LEU A 143 -2.17 12.77 11.19
C LEU A 143 -2.46 11.72 10.13
N ILE A 144 -2.87 12.20 8.96
CA ILE A 144 -2.96 11.40 7.74
C ILE A 144 -2.07 12.05 6.69
N VAL A 145 -1.38 11.23 5.91
CA VAL A 145 -0.62 11.68 4.75
C VAL A 145 -1.30 11.12 3.51
N SER A 146 -1.37 11.93 2.47
CA SER A 146 -1.97 11.55 1.21
C SER A 146 -1.07 11.97 0.05
N GLY A 147 -1.19 11.21 -1.03
CA GLY A 147 -0.58 11.58 -2.30
C GLY A 147 -1.59 11.49 -3.42
N SER A 148 -1.39 12.33 -4.45
CA SER A 148 -2.38 12.55 -5.47
C SER A 148 -1.77 12.66 -6.87
N PHE A 149 -2.62 12.41 -7.87
CA PHE A 149 -2.28 12.75 -9.25
C PHE A 149 -1.96 14.23 -9.40
N ASP A 150 -2.35 15.09 -8.45
CA ASP A 150 -2.02 16.50 -8.51
C ASP A 150 -0.57 16.81 -8.14
N GLU A 151 0.24 15.78 -7.85
CA GLU A 151 1.71 15.87 -7.70
C GLU A 151 2.11 16.33 -6.31
N SER A 152 1.16 16.52 -5.42
CA SER A 152 1.41 16.97 -4.06
C SER A 152 1.23 15.84 -3.05
N VAL A 153 1.85 16.05 -1.90
CA VAL A 153 1.64 15.26 -0.69
C VAL A 153 0.99 16.20 0.32
N ARG A 154 -0.10 15.77 0.93
CA ARG A 154 -0.74 16.59 1.95
C ARG A 154 -0.72 15.87 3.29
N ILE A 155 -0.61 16.66 4.35
CA ILE A 155 -0.65 16.17 5.72
C ILE A 155 -1.88 16.78 6.35
N TRP A 156 -2.71 15.95 6.96
CA TRP A 156 -4.03 16.36 7.43
C TRP A 156 -4.18 16.07 8.92
N ASP A 157 -4.89 16.94 9.60
CA ASP A 157 -5.23 16.73 11.00
C ASP A 157 -6.47 15.83 11.10
N VAL A 158 -6.31 14.69 11.77
CA VAL A 158 -7.39 13.71 11.84
C VAL A 158 -8.61 14.29 12.56
N LYS A 159 -8.37 15.02 13.66
CA LYS A 159 -9.47 15.49 14.49
C LYS A 159 -10.31 16.55 13.79
N THR A 160 -9.67 17.49 13.11
CA THR A 160 -10.42 18.58 12.49
C THR A 160 -10.76 18.31 11.03
N GLY A 161 -10.07 17.38 10.40
CA GLY A 161 -10.26 17.09 9.00
C GLY A 161 -9.65 18.11 8.06
N LYS A 162 -8.80 18.98 8.58
CA LYS A 162 -8.24 20.08 7.80
C LYS A 162 -6.82 19.76 7.39
N CYS A 163 -6.43 20.29 6.24
CA CYS A 163 -5.08 20.13 5.75
C CYS A 163 -4.13 21.02 6.54
N LEU A 164 -3.05 20.44 7.03
CA LEU A 164 -2.04 21.18 7.77
C LEU A 164 -0.89 21.66 6.90
N LYS A 165 -0.46 20.85 5.95
CA LYS A 165 0.67 21.20 5.09
C LYS A 165 0.45 20.57 3.73
N THR A 166 0.92 21.25 2.69
CA THR A 166 1.04 20.67 1.36
C THR A 166 2.51 20.70 0.97
N LEU A 167 3.08 19.53 0.78
CA LEU A 167 4.50 19.44 0.41
C LEU A 167 4.60 19.52 -1.11
N PRO A 168 5.51 20.35 -1.64
CA PRO A 168 5.68 20.50 -3.12
C PRO A 168 6.52 19.34 -3.63
N ALA A 169 5.95 18.15 -3.54
CA ALA A 169 6.79 16.96 -3.47
C ALA A 169 7.31 16.49 -4.81
N HIS A 170 6.47 16.51 -5.84
CA HIS A 170 6.75 15.78 -7.06
C HIS A 170 6.28 16.54 -8.28
N SER A 171 6.67 16.03 -9.45
CA SER A 171 6.34 16.61 -10.75
CA SER A 171 6.31 16.63 -10.73
C SER A 171 5.56 15.63 -11.62
N ASP A 172 4.91 14.69 -10.99
CA ASP A 172 4.10 13.66 -11.63
CA ASP A 172 4.06 13.70 -11.65
C ASP A 172 3.25 13.04 -10.53
N PRO A 173 2.32 12.16 -10.86
CA PRO A 173 1.50 11.56 -9.80
C PRO A 173 2.31 10.93 -8.67
N VAL A 174 1.77 11.06 -7.45
CA VAL A 174 2.38 10.51 -6.25
C VAL A 174 1.83 9.12 -6.01
N SER A 175 2.69 8.12 -6.12
CA SER A 175 2.26 6.73 -6.10
C SER A 175 2.17 6.13 -4.70
N ALA A 176 2.90 6.66 -3.72
CA ALA A 176 2.88 6.09 -2.38
C ALA A 176 3.34 7.13 -1.36
N VAL A 177 2.82 7.01 -0.13
CA VAL A 177 3.21 7.84 1.00
C VAL A 177 3.17 6.96 2.25
N HIS A 178 4.15 7.13 3.14
CA HIS A 178 4.26 6.27 4.32
C HIS A 178 5.02 7.01 5.41
N PHE A 179 4.56 6.86 6.65
CA PHE A 179 5.29 7.38 7.81
C PHE A 179 6.24 6.31 8.34
N ASN A 180 7.36 6.75 8.92
CA ASN A 180 8.24 5.82 9.61
C ASN A 180 7.65 5.47 10.98
N ARG A 181 8.37 4.63 11.73
CA ARG A 181 7.81 3.97 12.90
C ARG A 181 7.54 4.92 14.05
N ASP A 182 8.17 6.09 14.10
CA ASP A 182 7.84 7.07 15.13
C ASP A 182 7.17 8.30 14.55
N GLY A 183 6.77 8.26 13.29
CA GLY A 183 6.02 9.34 12.69
C GLY A 183 6.80 10.59 12.37
N SER A 184 8.11 10.59 12.61
CA SER A 184 8.94 11.78 12.41
C SER A 184 9.30 12.03 10.97
N LEU A 185 9.18 11.02 10.11
CA LEU A 185 9.52 11.13 8.71
C LEU A 185 8.39 10.57 7.86
N ILE A 186 8.26 11.12 6.65
CA ILE A 186 7.39 10.62 5.60
C ILE A 186 8.27 10.28 4.40
N VAL A 187 7.95 9.20 3.70
CA VAL A 187 8.55 8.91 2.41
C VAL A 187 7.46 8.98 1.35
N SER A 188 7.78 9.62 0.22
CA SER A 188 6.87 9.68 -0.92
C SER A 188 7.60 9.21 -2.17
N SER A 189 6.82 8.67 -3.11
CA SER A 189 7.35 8.23 -4.39
C SER A 189 6.45 8.76 -5.50
N SER A 190 7.01 8.78 -6.70
CA SER A 190 6.27 9.33 -7.82
C SER A 190 6.76 8.79 -9.15
N TYR A 191 5.87 8.87 -10.15
N TYR A 191 5.88 8.87 -10.14
CA TYR A 191 6.24 8.58 -11.52
CA TYR A 191 6.25 8.59 -11.51
C TYR A 191 7.35 9.50 -12.03
C TYR A 191 7.34 9.51 -12.03
N ASP A 192 7.64 10.60 -11.32
CA ASP A 192 8.76 11.47 -11.69
C ASP A 192 10.11 10.79 -11.46
N GLY A 193 10.12 9.61 -10.85
CA GLY A 193 11.34 8.86 -10.66
C GLY A 193 12.00 9.04 -9.31
N LEU A 194 11.39 9.80 -8.42
CA LEU A 194 12.03 10.15 -7.17
C LEU A 194 11.36 9.46 -5.99
N CYS A 195 12.18 9.12 -4.99
CA CYS A 195 11.73 8.89 -3.63
C CYS A 195 12.26 10.05 -2.79
N ARG A 196 11.40 10.65 -1.97
CA ARG A 196 11.77 11.79 -1.16
C ARG A 196 11.39 11.55 0.30
N ILE A 197 12.29 11.94 1.18
CA ILE A 197 12.15 11.80 2.63
C ILE A 197 11.86 13.18 3.21
N TRP A 198 10.80 13.28 4.01
CA TRP A 198 10.30 14.55 4.54
C TRP A 198 10.31 14.54 6.06
N ASP A 199 10.71 15.67 6.66
CA ASP A 199 10.53 15.90 8.09
C ASP A 199 9.06 16.22 8.35
N THR A 200 8.38 15.38 9.13
CA THR A 200 6.96 15.59 9.35
C THR A 200 6.69 16.95 9.98
N ALA A 201 7.50 17.33 10.96
CA ALA A 201 7.22 18.54 11.71
C ALA A 201 7.47 19.80 10.89
N SER A 202 8.58 19.85 10.15
CA SER A 202 8.95 21.07 9.44
C SER A 202 8.49 21.10 8.00
N GLY A 203 8.17 19.94 7.42
CA GLY A 203 7.80 19.85 6.03
C GLY A 203 8.95 19.91 5.07
N GLN A 204 10.19 19.95 5.56
CA GLN A 204 11.34 20.07 4.68
C GLN A 204 11.74 18.71 4.12
N CYS A 205 12.22 18.72 2.87
CA CYS A 205 12.79 17.51 2.29
C CYS A 205 14.20 17.31 2.81
N LEU A 206 14.45 16.15 3.42
CA LEU A 206 15.75 15.84 4.00
C LEU A 206 16.63 14.99 3.07
N LYS A 207 16.05 14.34 2.07
CA LYS A 207 16.79 13.47 1.16
C LYS A 207 15.92 13.19 -0.06
N THR A 208 16.53 13.26 -1.23
CA THR A 208 15.93 12.77 -2.46
C THR A 208 16.81 11.66 -3.04
N LEU A 209 16.21 10.49 -3.28
CA LEU A 209 16.90 9.37 -3.88
C LEU A 209 16.59 9.32 -5.38
N ILE A 210 17.64 9.24 -6.20
CA ILE A 210 17.52 9.20 -7.64
C ILE A 210 18.20 7.95 -8.18
N ASP A 211 17.80 7.55 -9.39
CA ASP A 211 18.48 6.55 -10.21
C ASP A 211 18.90 7.24 -11.49
N ASP A 212 19.94 6.74 -12.15
CA ASP A 212 20.45 7.42 -13.33
C ASP A 212 19.33 7.78 -14.30
N ASP A 213 18.51 6.81 -14.68
CA ASP A 213 17.46 7.03 -15.66
C ASP A 213 16.13 7.45 -15.05
N ASN A 214 16.01 7.43 -13.73
CA ASN A 214 14.78 7.78 -13.02
C ASN A 214 13.55 7.07 -13.61
N PRO A 215 13.52 5.74 -13.63
CA PRO A 215 12.29 5.06 -13.98
C PRO A 215 11.19 5.46 -13.02
N PRO A 216 9.94 5.44 -13.46
CA PRO A 216 8.84 5.78 -12.54
C PRO A 216 8.89 4.92 -11.29
N VAL A 217 8.73 5.56 -10.14
CA VAL A 217 8.64 4.85 -8.86
C VAL A 217 7.16 4.66 -8.55
N SER A 218 6.76 3.40 -8.42
CA SER A 218 5.35 3.02 -8.32
C SER A 218 4.95 2.64 -6.92
N PHE A 219 5.90 2.49 -6.01
CA PHE A 219 5.59 2.18 -4.62
C PHE A 219 6.80 2.46 -3.75
N VAL A 220 6.58 2.89 -2.51
CA VAL A 220 7.64 2.99 -1.53
C VAL A 220 7.05 2.82 -0.14
N LYS A 221 7.85 2.28 0.78
CA LYS A 221 7.49 2.28 2.20
C LYS A 221 8.77 2.11 3.02
N PHE A 222 8.71 2.58 4.27
CA PHE A 222 9.80 2.34 5.20
C PHE A 222 9.79 0.90 5.68
N SER A 223 10.98 0.39 6.02
CA SER A 223 11.11 -0.87 6.69
C SER A 223 10.62 -0.76 8.13
N PRO A 224 10.34 -1.91 8.77
CA PRO A 224 9.84 -1.85 10.15
C PRO A 224 10.77 -1.12 11.11
N ASN A 225 12.08 -1.21 10.93
CA ASN A 225 13.02 -0.55 11.83
C ASN A 225 13.26 0.90 11.46
N GLY A 226 12.64 1.36 10.38
CA GLY A 226 12.70 2.75 9.96
C GLY A 226 13.96 3.17 9.26
N LYS A 227 14.93 2.27 9.07
CA LYS A 227 16.22 2.66 8.52
C LYS A 227 16.29 2.53 7.01
N TYR A 228 15.43 1.73 6.41
CA TYR A 228 15.46 1.47 4.98
C TYR A 228 14.14 1.89 4.36
N ILE A 229 14.15 2.04 3.04
CA ILE A 229 12.92 2.13 2.26
C ILE A 229 12.97 1.04 1.19
N LEU A 230 11.81 0.51 0.88
CA LEU A 230 11.62 -0.46 -0.21
C LEU A 230 10.89 0.26 -1.31
N ALA A 231 11.44 0.27 -2.51
CA ALA A 231 10.89 1.05 -3.60
C ALA A 231 10.73 0.17 -4.83
N ALA A 232 9.55 0.28 -5.46
CA ALA A 232 9.28 -0.41 -6.72
C ALA A 232 9.39 0.60 -7.85
N THR A 233 10.00 0.17 -8.95
CA THR A 233 10.07 0.96 -10.18
C THR A 233 9.44 0.16 -11.32
N LEU A 234 8.90 0.89 -12.30
CA LEU A 234 8.15 0.27 -13.40
C LEU A 234 9.06 -0.29 -14.48
N ASP A 235 10.14 -0.93 -14.06
CA ASP A 235 11.08 -1.68 -14.89
C ASP A 235 11.28 -3.06 -14.28
N ASN A 236 10.25 -3.58 -13.62
CA ASN A 236 10.24 -4.94 -13.07
C ASN A 236 11.26 -5.10 -11.95
N THR A 237 11.39 -4.08 -11.10
CA THR A 237 12.42 -4.09 -10.08
C THR A 237 11.91 -3.54 -8.75
N LEU A 238 12.31 -4.19 -7.67
CA LEU A 238 12.14 -3.69 -6.31
C LEU A 238 13.54 -3.50 -5.73
N LYS A 239 13.72 -2.43 -4.95
CA LYS A 239 15.02 -2.15 -4.35
C LYS A 239 14.89 -1.77 -2.89
N LEU A 240 15.80 -2.27 -2.07
CA LEU A 240 15.91 -1.89 -0.67
C LEU A 240 17.04 -0.88 -0.57
N TRP A 241 16.73 0.31 -0.02
CA TRP A 241 17.67 1.41 0.06
C TRP A 241 17.91 1.80 1.52
N ASP A 242 19.16 2.09 1.87
CA ASP A 242 19.45 2.88 3.07
C ASP A 242 19.32 4.33 2.63
N TYR A 243 18.20 4.97 2.97
CA TYR A 243 17.93 6.32 2.45
C TYR A 243 18.90 7.35 3.03
N SER A 244 19.35 7.16 4.28
CA SER A 244 20.30 8.10 4.87
C SER A 244 21.66 8.01 4.19
N LYS A 245 22.15 6.79 3.95
CA LYS A 245 23.40 6.58 3.24
C LYS A 245 23.25 6.76 1.74
N GLY A 246 22.02 6.84 1.24
CA GLY A 246 21.80 7.00 -0.18
C GLY A 246 22.26 5.82 -1.02
N LYS A 247 22.20 4.60 -0.47
CA LYS A 247 22.78 3.44 -1.15
C LYS A 247 21.75 2.33 -1.29
N CYS A 248 21.76 1.68 -2.45
CA CYS A 248 20.89 0.55 -2.73
C CYS A 248 21.54 -0.71 -2.15
N LEU A 249 20.83 -1.39 -1.27
CA LEU A 249 21.37 -2.54 -0.55
C LEU A 249 21.02 -3.84 -1.25
N LYS A 250 19.83 -3.93 -1.83
CA LYS A 250 19.34 -5.17 -2.40
C LYS A 250 18.43 -4.84 -3.58
N THR A 251 18.48 -5.68 -4.61
CA THR A 251 17.59 -5.58 -5.76
C THR A 251 16.87 -6.92 -5.94
N TYR A 252 15.54 -6.86 -6.04
CA TYR A 252 14.70 -8.04 -6.22
C TYR A 252 14.08 -8.00 -7.60
N THR A 253 14.22 -9.10 -8.34
CA THR A 253 13.67 -9.18 -9.69
C THR A 253 13.02 -10.54 -9.91
N GLY A 254 12.46 -10.70 -11.09
CA GLY A 254 11.82 -11.94 -11.50
C GLY A 254 10.34 -11.81 -11.72
N HIS A 255 9.72 -10.79 -11.14
CA HIS A 255 8.29 -10.52 -11.28
C HIS A 255 8.08 -9.55 -12.43
N LYS A 256 6.82 -9.19 -12.69
CA LYS A 256 6.48 -8.27 -13.77
CA LYS A 256 6.46 -8.27 -13.77
C LYS A 256 5.82 -7.04 -13.18
N ASN A 257 6.39 -5.87 -13.45
CA ASN A 257 5.80 -4.63 -12.92
C ASN A 257 6.27 -3.49 -13.83
N GLU A 258 5.46 -3.18 -14.85
CA GLU A 258 5.70 -2.08 -15.75
C GLU A 258 4.54 -1.10 -15.85
N LYS A 259 3.38 -1.41 -15.28
CA LYS A 259 2.16 -0.67 -15.58
C LYS A 259 1.35 -0.21 -14.38
N TYR A 260 1.54 -0.79 -13.20
CA TYR A 260 0.64 -0.57 -12.07
C TYR A 260 1.43 -0.30 -10.81
N CYS A 261 0.79 0.42 -9.87
CA CYS A 261 1.38 0.72 -8.57
C CYS A 261 0.99 -0.40 -7.61
N ILE A 262 1.87 -1.38 -7.53
CA ILE A 262 1.66 -2.60 -6.78
C ILE A 262 2.30 -2.45 -5.41
N PHE A 263 1.53 -2.76 -4.37
CA PHE A 263 2.06 -2.71 -3.01
C PHE A 263 3.05 -3.85 -2.78
N ALA A 264 4.08 -3.56 -2.00
CA ALA A 264 5.03 -4.56 -1.52
C ALA A 264 5.17 -4.41 -0.01
N ASN A 265 5.78 -5.42 0.62
CA ASN A 265 5.79 -5.50 2.07
C ASN A 265 7.05 -6.19 2.57
N PHE A 266 7.40 -5.87 3.82
CA PHE A 266 8.33 -6.65 4.61
C PHE A 266 7.50 -7.63 5.44
N SER A 267 7.73 -8.92 5.26
CA SER A 267 7.12 -9.94 6.11
C SER A 267 8.10 -10.29 7.22
N VAL A 268 7.65 -10.21 8.47
CA VAL A 268 8.55 -10.32 9.61
C VAL A 268 8.06 -11.27 10.70
N THR A 269 6.86 -11.84 10.56
CA THR A 269 6.34 -12.69 11.63
C THR A 269 7.05 -14.04 11.70
N GLY A 270 7.59 -14.51 10.59
CA GLY A 270 8.35 -15.74 10.51
C GLY A 270 9.70 -15.45 9.86
N GLY A 271 9.97 -16.08 8.72
CA GLY A 271 11.15 -15.71 7.96
C GLY A 271 11.06 -14.28 7.44
N LYS A 272 12.22 -13.70 7.16
CA LYS A 272 12.28 -12.30 6.75
C LYS A 272 12.24 -12.22 5.23
N TRP A 273 11.06 -11.90 4.72
CA TRP A 273 10.79 -11.90 3.29
C TRP A 273 10.44 -10.50 2.80
N ILE A 274 10.54 -10.35 1.47
CA ILE A 274 9.89 -9.28 0.74
C ILE A 274 8.74 -9.91 -0.02
N VAL A 275 7.57 -9.29 0.02
CA VAL A 275 6.38 -9.81 -0.62
C VAL A 275 5.84 -8.75 -1.59
N SER A 276 5.45 -9.16 -2.79
CA SER A 276 4.87 -8.23 -3.74
C SER A 276 3.87 -8.94 -4.65
N GLY A 277 2.90 -8.18 -5.14
CA GLY A 277 2.13 -8.58 -6.29
C GLY A 277 2.93 -8.43 -7.57
N SER A 278 2.28 -8.77 -8.69
CA SER A 278 2.94 -8.85 -9.99
C SER A 278 1.90 -8.87 -11.08
N GLU A 279 2.31 -8.42 -12.27
CA GLU A 279 1.46 -8.34 -13.46
C GLU A 279 1.40 -9.65 -14.22
N ASP A 280 2.06 -10.70 -13.75
CA ASP A 280 1.80 -12.06 -14.19
C ASP A 280 0.85 -12.77 -13.22
N ASN A 281 0.19 -12.00 -12.36
CA ASN A 281 -0.94 -12.47 -11.55
C ASN A 281 -0.51 -13.36 -10.39
N LEU A 282 0.77 -13.32 -10.03
CA LEU A 282 1.32 -14.10 -8.93
C LEU A 282 1.68 -13.18 -7.77
N VAL A 283 1.69 -13.75 -6.57
CA VAL A 283 2.36 -13.14 -5.43
C VAL A 283 3.78 -13.68 -5.41
N TYR A 284 4.77 -12.78 -5.37
CA TYR A 284 6.17 -13.17 -5.24
C TYR A 284 6.64 -12.98 -3.81
N ILE A 285 7.46 -13.93 -3.33
CA ILE A 285 8.07 -13.87 -2.01
C ILE A 285 9.56 -14.11 -2.21
N TRP A 286 10.38 -13.17 -1.77
CA TRP A 286 11.82 -13.30 -1.84
C TRP A 286 12.43 -13.35 -0.45
N ASN A 287 13.55 -14.04 -0.33
CA ASN A 287 14.40 -13.88 0.85
C ASN A 287 15.02 -12.49 0.81
N LEU A 288 14.80 -11.72 1.88
CA LEU A 288 15.21 -10.32 1.87
C LEU A 288 16.72 -10.18 1.67
N GLN A 289 17.51 -11.07 2.28
CA GLN A 289 18.95 -10.92 2.24
C GLN A 289 19.56 -11.55 0.99
N THR A 290 19.11 -12.73 0.59
CA THR A 290 19.76 -13.39 -0.53
C THR A 290 19.18 -12.98 -1.87
N LYS A 291 17.99 -12.38 -1.86
CA LYS A 291 17.26 -11.91 -3.03
C LYS A 291 16.69 -13.05 -3.85
N GLU A 292 16.81 -14.29 -3.38
N GLU A 292 16.78 -14.29 -3.37
CA GLU A 292 16.22 -15.42 -4.08
CA GLU A 292 16.23 -15.41 -4.12
C GLU A 292 14.69 -15.40 -3.95
C GLU A 292 14.73 -15.52 -3.92
N ILE A 293 14.00 -15.78 -5.02
CA ILE A 293 12.58 -16.05 -4.93
C ILE A 293 12.41 -17.36 -4.18
N VAL A 294 11.61 -17.33 -3.12
CA VAL A 294 11.37 -18.51 -2.30
C VAL A 294 9.96 -19.06 -2.46
N GLN A 295 9.03 -18.30 -3.01
CA GLN A 295 7.71 -18.83 -3.30
C GLN A 295 7.01 -17.92 -4.31
N LYS A 296 6.14 -18.51 -5.12
CA LYS A 296 5.20 -17.79 -5.97
C LYS A 296 3.82 -18.35 -5.67
N LEU A 297 2.86 -17.48 -5.40
CA LEU A 297 1.51 -17.90 -5.04
C LEU A 297 0.57 -17.66 -6.21
N GLN A 298 0.00 -18.74 -6.72
CA GLN A 298 -0.84 -18.69 -7.91
C GLN A 298 -2.30 -18.94 -7.55
N GLY A 299 -3.18 -18.18 -8.19
CA GLY A 299 -4.61 -18.38 -8.01
C GLY A 299 -5.43 -17.23 -8.58
N HIS A 300 -4.89 -16.02 -8.50
CA HIS A 300 -5.59 -14.88 -9.07
C HIS A 300 -5.61 -14.94 -10.60
N THR A 301 -6.63 -14.28 -11.17
CA THR A 301 -6.88 -14.25 -12.60
C THR A 301 -6.77 -12.84 -13.17
N ASP A 302 -6.12 -11.94 -12.44
CA ASP A 302 -5.74 -10.64 -12.95
C ASP A 302 -4.56 -10.16 -12.12
N VAL A 303 -4.04 -8.99 -12.47
CA VAL A 303 -2.89 -8.40 -11.80
C VAL A 303 -3.11 -8.41 -10.29
N VAL A 304 -2.11 -8.85 -9.55
CA VAL A 304 -2.13 -8.78 -8.09
C VAL A 304 -1.61 -7.40 -7.72
N ILE A 305 -2.54 -6.45 -7.49
CA ILE A 305 -2.20 -5.06 -7.27
C ILE A 305 -1.77 -4.81 -5.83
N SER A 306 -2.19 -5.66 -4.90
CA SER A 306 -2.01 -5.39 -3.48
C SER A 306 -1.74 -6.68 -2.73
N THR A 307 -0.77 -6.62 -1.83
CA THR A 307 -0.50 -7.64 -0.85
C THR A 307 -0.35 -6.93 0.49
N ALA A 308 -0.65 -7.66 1.57
CA ALA A 308 -0.50 -7.18 2.93
C ALA A 308 -0.10 -8.36 3.80
N CYS A 309 0.64 -8.09 4.87
CA CYS A 309 1.14 -9.11 5.77
C CYS A 309 0.51 -8.91 7.15
N HIS A 310 0.02 -10.00 7.72
CA HIS A 310 -0.64 -9.94 9.01
C HIS A 310 0.34 -9.52 10.09
N PRO A 311 -0.10 -8.75 11.09
CA PRO A 311 0.88 -8.23 12.07
C PRO A 311 1.49 -9.27 12.98
N THR A 312 0.81 -10.39 13.24
CA THR A 312 1.36 -11.36 14.18
C THR A 312 1.46 -12.78 13.63
N GLU A 313 0.61 -13.15 12.67
CA GLU A 313 0.59 -14.49 12.12
C GLU A 313 1.20 -14.47 10.73
N ASN A 314 1.67 -15.64 10.27
CA ASN A 314 2.22 -15.77 8.92
C ASN A 314 1.06 -15.91 7.93
N ILE A 315 0.42 -14.78 7.66
CA ILE A 315 -0.74 -14.70 6.78
C ILE A 315 -0.53 -13.55 5.82
N ILE A 316 -0.74 -13.82 4.52
CA ILE A 316 -0.72 -12.81 3.48
C ILE A 316 -2.11 -12.67 2.91
N ALA A 317 -2.53 -11.42 2.69
CA ALA A 317 -3.71 -11.11 1.88
C ALA A 317 -3.24 -10.57 0.55
N SER A 318 -3.89 -10.98 -0.53
CA SER A 318 -3.59 -10.50 -1.87
C SER A 318 -4.90 -10.11 -2.53
N ALA A 319 -4.84 -9.16 -3.46
CA ALA A 319 -6.04 -8.72 -4.16
C ALA A 319 -5.73 -8.37 -5.60
N ALA A 320 -6.73 -8.52 -6.46
CA ALA A 320 -6.50 -8.41 -7.89
C ALA A 320 -7.53 -7.55 -8.61
N LEU A 321 -7.19 -7.24 -9.86
CA LEU A 321 -7.92 -6.26 -10.65
C LEU A 321 -9.16 -6.83 -11.34
N GLU A 322 -9.61 -6.14 -12.40
CA GLU A 322 -11.01 -6.22 -12.85
C GLU A 322 -11.46 -7.61 -13.26
N ASN A 323 -10.58 -8.44 -13.81
CA ASN A 323 -10.97 -9.76 -14.26
C ASN A 323 -10.92 -10.79 -13.13
N ASP A 324 -10.75 -10.34 -11.89
CA ASP A 324 -10.63 -11.22 -10.74
C ASP A 324 -11.56 -10.70 -9.64
N LYS A 325 -11.32 -9.50 -9.13
CA LYS A 325 -12.18 -8.82 -8.17
CA LYS A 325 -12.18 -8.82 -8.17
C LYS A 325 -12.22 -9.51 -6.82
N THR A 326 -11.28 -10.40 -6.53
CA THR A 326 -11.26 -11.10 -5.26
C THR A 326 -10.00 -10.82 -4.47
N ILE A 327 -10.10 -11.15 -3.18
CA ILE A 327 -8.99 -11.11 -2.23
C ILE A 327 -8.74 -12.55 -1.81
N LYS A 328 -7.47 -12.92 -1.60
CA LYS A 328 -7.11 -14.26 -1.14
C LYS A 328 -6.30 -14.17 0.14
N LEU A 329 -6.56 -15.08 1.05
CA LEU A 329 -5.81 -15.23 2.29
C LEU A 329 -5.02 -16.51 2.23
N TRP A 330 -3.73 -16.40 2.51
CA TRP A 330 -2.77 -17.48 2.43
C TRP A 330 -2.06 -17.57 3.77
N LYS A 331 -1.76 -18.79 4.21
CA LYS A 331 -1.12 -19.02 5.50
CA LYS A 331 -1.10 -18.98 5.50
C LYS A 331 0.06 -19.95 5.37
N SER A 332 1.13 -19.66 6.13
CA SER A 332 2.37 -20.41 6.10
C SER A 332 2.74 -20.85 7.51
N ASP A 333 3.51 -21.92 7.58
CA ASP A 333 4.02 -22.38 8.87
C ASP A 333 5.23 -21.58 9.33
N CYS A 334 5.88 -20.85 8.43
CA CYS A 334 7.04 -20.09 8.82
C CYS A 334 7.19 -18.86 7.96
N THR B 10 -17.71 2.60 -12.89
CA THR B 10 -16.80 3.28 -11.97
C THR B 10 -15.36 2.88 -12.28
N GLU B 11 -14.41 3.59 -11.71
CA GLU B 11 -13.01 3.34 -11.97
C GLU B 11 -12.22 3.84 -10.78
N ALA B 12 -11.00 3.35 -10.63
CA ALA B 12 -10.05 3.89 -9.66
C ALA B 12 -8.69 4.02 -10.31
N ALA B 13 -7.98 5.11 -10.02
CA ALA B 13 -6.71 5.35 -10.69
C ALA B 13 -5.74 4.19 -10.54
N ARG B 14 -5.66 3.59 -9.34
CA ARG B 14 -4.69 2.50 -9.18
C ARG B 14 -5.01 1.29 -10.05
N ALA B 15 -6.28 1.10 -10.41
CA ALA B 15 -6.69 -0.05 -11.19
C ALA B 15 -6.54 0.17 -12.69
N GLN B 16 -6.07 1.33 -13.11
CA GLN B 16 -5.88 1.62 -14.52
C GLN B 16 -4.39 1.62 -14.83
N PRO B 17 -3.97 1.02 -15.94
CA PRO B 17 -2.53 0.95 -16.25
C PRO B 17 -2.01 2.27 -16.75
N THR B 18 -0.70 2.44 -16.63
CA THR B 18 -0.04 3.59 -17.23
C THR B 18 -0.03 3.52 -18.76
S SO4 C . 2.26 -0.54 7.38
O1 SO4 C . 2.30 -1.75 6.57
O2 SO4 C . 1.33 -0.74 8.49
O3 SO4 C . 1.80 0.58 6.56
O4 SO4 C . 3.59 -0.23 7.91
#